data_8TH6
#
_entry.id   8TH6
#
_cell.length_a   58.390
_cell.length_b   78.380
_cell.length_c   73.410
_cell.angle_alpha   90.00
_cell.angle_beta   108.63
_cell.angle_gamma   90.00
#
_symmetry.space_group_name_H-M   'P 1 21 1'
#
loop_
_entity.id
_entity.type
_entity.pdbx_description
1 polymer 'Ras GTPase-activating protein-binding protein 1'
2 polymer 'Ubiquitin carboxyl-terminal hydrolase 10'
3 non-polymer 1,2-ETHANEDIOL
4 water water
#
loop_
_entity_poly.entity_id
_entity_poly.type
_entity_poly.pdbx_seq_one_letter_code
_entity_poly.pdbx_strand_id
1 'polypeptide(L)'
;MVMEKPSPLLVGREFVRQYYTLLNQAPDMLHRFYGKNSSYVHGGLDSNGKPADAVYGQKEIHRKVMSQNFTNCHTKIRHV
DAHATLNDGVVVQVMGLLSNNNQALRRFMQTFVLAPEGSVANKFYVHNDIFRYQDEVFG
;
A,B,C,D
2 'polypeptide(L)' GALHSPQYIFGDFSPDEFNQFFVT E,F,G,H
#
loop_
_chem_comp.id
_chem_comp.type
_chem_comp.name
_chem_comp.formula
EDO non-polymer 1,2-ETHANEDIOL 'C2 H6 O2'
#
# COMPACT_ATOMS: atom_id res chain seq x y z
N MET A 1 -1.27 6.30 -48.52
CA MET A 1 -1.57 7.23 -47.40
C MET A 1 -1.23 6.61 -46.04
N VAL A 2 -0.99 5.28 -45.98
CA VAL A 2 -0.55 4.56 -44.79
C VAL A 2 0.71 5.25 -44.23
N MET A 3 0.74 5.55 -42.92
CA MET A 3 1.75 6.46 -42.40
C MET A 3 2.84 5.72 -41.61
N GLU A 4 3.86 6.47 -41.21
CA GLU A 4 4.82 6.05 -40.22
C GLU A 4 4.27 6.40 -38.85
N LYS A 5 4.73 5.69 -37.80
CA LYS A 5 4.37 6.06 -36.44
C LYS A 5 4.98 7.45 -36.18
N PRO A 6 4.33 8.33 -35.39
CA PRO A 6 4.85 9.70 -35.17
C PRO A 6 6.20 9.70 -34.47
N SER A 7 6.99 10.76 -34.67
CA SER A 7 8.32 10.83 -34.07
C SER A 7 8.20 10.90 -32.55
N PRO A 8 8.79 9.93 -31.78
CA PRO A 8 8.76 9.95 -30.31
C PRO A 8 9.27 11.24 -29.64
N LEU A 9 10.43 11.75 -30.11
CA LEU A 9 11.03 12.93 -29.50
C LEU A 9 10.13 14.16 -29.71
N LEU A 10 9.50 14.27 -30.87
CA LEU A 10 8.66 15.43 -31.18
C LEU A 10 7.36 15.33 -30.39
N VAL A 11 6.80 14.12 -30.31
CA VAL A 11 5.60 13.85 -29.52
C VAL A 11 5.87 14.29 -28.07
N GLY A 12 7.02 13.82 -27.54
CA GLY A 12 7.42 14.03 -26.16
C GLY A 12 7.67 15.49 -25.79
N ARG A 13 8.31 16.25 -26.69
CA ARG A 13 8.62 17.65 -26.43
C ARG A 13 7.37 18.54 -26.54
N GLU A 14 6.40 18.16 -27.36
CA GLU A 14 5.15 18.92 -27.48
C GLU A 14 4.22 18.60 -26.29
N PHE A 15 4.25 17.36 -25.76
CA PHE A 15 3.44 17.05 -24.59
C PHE A 15 3.98 17.81 -23.37
N VAL A 16 5.31 17.79 -23.19
CA VAL A 16 5.94 18.38 -22.02
C VAL A 16 5.68 19.89 -21.96
N ARG A 17 5.57 20.56 -23.12
CA ARG A 17 5.27 21.99 -23.13
C ARG A 17 3.79 22.19 -22.81
N GLN A 18 2.91 21.34 -23.35
CA GLN A 18 1.49 21.47 -23.05
C GLN A 18 1.27 21.23 -21.56
N TYR A 19 1.96 20.22 -21.00
CA TYR A 19 1.77 19.83 -19.61
C TYR A 19 2.10 20.97 -18.66
N TYR A 20 3.24 21.63 -18.91
CA TYR A 20 3.76 22.66 -18.02
C TYR A 20 3.09 23.99 -18.32
N THR A 21 2.52 24.14 -19.53
CA THR A 21 1.72 25.32 -19.87
C THR A 21 0.42 25.34 -19.06
N LEU A 22 -0.17 24.16 -18.87
CA LEU A 22 -1.49 24.02 -18.26
C LEU A 22 -1.36 24.11 -16.75
N LEU A 23 -0.31 23.48 -16.20
CA LEU A 23 0.01 23.53 -14.78
C LEU A 23 0.06 24.98 -14.26
N ASN A 24 0.54 25.92 -15.09
CA ASN A 24 0.65 27.34 -14.73
C ASN A 24 -0.67 28.08 -14.99
N GLN A 25 -1.47 27.62 -15.97
CA GLN A 25 -2.61 28.41 -16.44
C GLN A 25 -3.92 27.91 -15.84
N ALA A 26 -4.13 26.60 -15.74
CA ALA A 26 -5.37 26.09 -15.17
C ALA A 26 -5.16 24.66 -14.67
N PRO A 27 -4.44 24.45 -13.55
CA PRO A 27 -4.14 23.10 -13.06
C PRO A 27 -5.37 22.29 -12.58
N ASP A 28 -6.53 22.95 -12.54
CA ASP A 28 -7.80 22.29 -12.27
C ASP A 28 -8.20 21.43 -13.47
N MET A 29 -7.40 21.54 -14.55
CA MET A 29 -7.70 20.94 -15.84
C MET A 29 -6.62 19.94 -16.24
N LEU A 30 -5.64 19.70 -15.34
CA LEU A 30 -4.62 18.70 -15.58
C LEU A 30 -5.24 17.31 -15.72
N HIS A 31 -6.33 17.07 -14.97
CA HIS A 31 -7.00 15.77 -14.90
C HIS A 31 -7.37 15.25 -16.29
N ARG A 32 -7.65 16.15 -17.24
CA ARG A 32 -8.02 15.85 -18.60
C ARG A 32 -6.98 15.02 -19.37
N PHE A 33 -5.71 15.01 -18.95
CA PHE A 33 -4.71 14.19 -19.64
C PHE A 33 -4.85 12.71 -19.31
N TYR A 34 -5.51 12.40 -18.18
CA TYR A 34 -5.34 11.13 -17.51
C TYR A 34 -6.57 10.24 -17.71
N GLY A 35 -6.34 8.94 -17.60
CA GLY A 35 -7.38 7.96 -17.83
C GLY A 35 -7.68 7.15 -16.58
N LYS A 36 -8.31 6.01 -16.83
CA LYS A 36 -8.92 5.15 -15.82
C LYS A 36 -7.83 4.52 -14.97
N ASN A 37 -6.71 4.16 -15.62
CA ASN A 37 -5.63 3.41 -14.99
C ASN A 37 -4.35 4.25 -14.93
N SER A 38 -4.48 5.58 -14.84
CA SER A 38 -3.33 6.46 -14.89
C SER A 38 -2.75 6.68 -13.49
N SER A 39 -1.44 6.44 -13.33
CA SER A 39 -0.73 6.71 -12.08
C SER A 39 -0.20 8.15 -12.06
N TYR A 40 -0.16 8.75 -10.86
CA TYR A 40 0.28 10.13 -10.66
C TYR A 40 0.98 10.25 -9.30
N VAL A 41 2.16 10.92 -9.27
CA VAL A 41 2.83 11.29 -8.04
C VAL A 41 3.68 12.54 -8.30
N HIS A 42 3.65 13.48 -7.34
CA HIS A 42 4.32 14.78 -7.45
C HIS A 42 5.04 15.09 -6.14
N GLY A 43 6.12 14.34 -5.86
CA GLY A 43 7.01 14.62 -4.75
C GLY A 43 6.36 14.33 -3.40
N GLY A 44 6.61 15.17 -2.41
CA GLY A 44 5.97 15.03 -1.11
C GLY A 44 6.64 13.99 -0.21
N LEU A 45 6.64 14.27 1.09
CA LEU A 45 7.14 13.36 2.10
C LEU A 45 6.00 13.09 3.08
N ASP A 46 6.01 11.89 3.68
CA ASP A 46 4.94 11.46 4.58
C ASP A 46 5.31 11.85 6.00
N SER A 47 4.73 11.14 6.98
CA SER A 47 4.96 11.37 8.40
C SER A 47 6.37 10.91 8.79
N ASN A 48 6.78 9.79 8.22
CA ASN A 48 8.16 9.34 8.33
C ASN A 48 8.96 10.22 7.37
N GLY A 49 10.24 9.89 7.14
CA GLY A 49 11.02 10.72 6.23
C GLY A 49 10.84 10.32 4.77
N LYS A 50 9.69 9.73 4.43
CA LYS A 50 9.60 8.79 3.31
C LYS A 50 8.71 9.35 2.21
N PRO A 51 9.12 9.19 0.91
CA PRO A 51 8.36 9.70 -0.23
C PRO A 51 6.88 9.29 -0.27
N ALA A 52 6.00 10.21 -0.67
CA ALA A 52 4.57 10.00 -0.70
C ALA A 52 4.17 9.14 -1.91
N ASP A 53 2.99 8.49 -1.79
CA ASP A 53 2.55 7.41 -2.68
C ASP A 53 1.74 7.94 -3.86
N ALA A 54 1.54 7.07 -4.84
CA ALA A 54 0.81 7.40 -6.06
C ALA A 54 -0.70 7.33 -5.78
N VAL A 55 -1.47 8.05 -6.60
CA VAL A 55 -2.92 7.91 -6.66
C VAL A 55 -3.29 7.46 -8.06
N TYR A 56 -4.51 6.92 -8.23
CA TYR A 56 -4.88 6.24 -9.46
C TYR A 56 -6.25 6.72 -9.93
N GLY A 57 -6.36 6.94 -11.25
CA GLY A 57 -7.61 7.34 -11.87
C GLY A 57 -7.78 8.85 -11.89
N GLN A 58 -8.69 9.33 -12.75
CA GLN A 58 -8.91 10.75 -12.99
C GLN A 58 -9.31 11.53 -11.73
N LYS A 59 -10.29 11.00 -10.98
CA LYS A 59 -10.93 11.77 -9.93
C LYS A 59 -10.02 11.90 -8.72
N GLU A 60 -9.24 10.83 -8.44
CA GLU A 60 -8.20 10.86 -7.41
C GLU A 60 -7.05 11.78 -7.82
N ILE A 61 -6.65 11.76 -9.09
CA ILE A 61 -5.58 12.60 -9.61
C ILE A 61 -5.99 14.07 -9.51
N HIS A 62 -7.24 14.37 -9.90
CA HIS A 62 -7.78 15.73 -9.89
C HIS A 62 -7.75 16.38 -8.50
N ARG A 63 -8.32 15.71 -7.48
CA ARG A 63 -8.34 16.21 -6.11
C ARG A 63 -6.91 16.29 -5.54
N LYS A 64 -6.03 15.38 -5.98
CA LYS A 64 -4.65 15.38 -5.52
C LYS A 64 -3.92 16.62 -6.05
N VAL A 65 -4.20 17.00 -7.31
CA VAL A 65 -3.61 18.17 -7.93
C VAL A 65 -4.17 19.43 -7.27
N MET A 66 -5.48 19.39 -6.97
CA MET A 66 -6.17 20.50 -6.35
C MET A 66 -5.63 20.77 -4.95
N SER A 67 -5.29 19.70 -4.21
CA SER A 67 -4.83 19.80 -2.83
C SER A 67 -3.42 20.40 -2.78
N GLN A 68 -2.64 20.23 -3.85
CA GLN A 68 -1.42 20.99 -4.01
C GLN A 68 -1.80 22.40 -4.45
N ASN A 69 -0.87 23.34 -4.36
CA ASN A 69 -1.30 24.72 -4.26
C ASN A 69 -0.81 25.51 -5.47
N PHE A 70 -0.96 24.93 -6.67
CA PHE A 70 -0.31 25.41 -7.86
C PHE A 70 -0.75 26.85 -8.13
N THR A 71 0.10 27.81 -7.75
CA THR A 71 -0.11 29.24 -7.99
C THR A 71 1.10 29.81 -8.75
N ASN A 72 0.81 30.39 -9.92
CA ASN A 72 1.80 30.97 -10.84
C ASN A 72 3.07 30.12 -10.78
N CYS A 73 2.93 28.88 -11.22
CA CYS A 73 4.01 27.92 -11.25
C CYS A 73 4.99 28.32 -12.35
N HIS A 74 6.31 28.28 -12.07
CA HIS A 74 7.30 28.53 -13.10
C HIS A 74 8.20 27.31 -13.28
N THR A 75 8.45 26.95 -14.55
CA THR A 75 9.18 25.75 -14.94
C THR A 75 10.35 26.10 -15.88
N LYS A 76 11.49 25.43 -15.66
CA LYS A 76 12.58 25.45 -16.62
C LYS A 76 12.91 24.00 -16.99
N ILE A 77 12.76 23.66 -18.29
CA ILE A 77 13.00 22.31 -18.77
C ILE A 77 14.46 22.16 -19.20
N ARG A 78 15.24 21.40 -18.42
CA ARG A 78 16.66 21.23 -18.67
C ARG A 78 16.97 20.01 -19.54
N HIS A 79 16.05 19.03 -19.67
CA HIS A 79 16.34 17.78 -20.34
C HIS A 79 15.05 17.05 -20.74
N VAL A 80 14.99 16.62 -22.01
CA VAL A 80 13.85 15.88 -22.54
C VAL A 80 14.37 14.79 -23.47
N ASP A 81 14.07 13.52 -23.15
CA ASP A 81 14.43 12.36 -23.95
C ASP A 81 13.17 11.51 -24.07
N ALA A 82 12.89 11.01 -25.29
CA ALA A 82 11.70 10.23 -25.56
C ALA A 82 12.02 9.12 -26.57
N HIS A 83 11.37 7.94 -26.39
CA HIS A 83 11.59 6.75 -27.21
C HIS A 83 10.27 5.96 -27.34
N ALA A 84 10.03 5.37 -28.52
CA ALA A 84 8.94 4.44 -28.67
C ALA A 84 9.05 3.35 -27.62
N THR A 85 7.89 2.91 -27.12
CA THR A 85 7.80 1.81 -26.18
C THR A 85 6.64 0.90 -26.64
N LEU A 86 6.09 0.10 -25.72
CA LEU A 86 5.10 -0.91 -26.05
C LEU A 86 3.87 -0.25 -26.67
N ASN A 87 3.30 -0.94 -27.67
CA ASN A 87 1.98 -0.65 -28.17
C ASN A 87 1.98 0.70 -28.85
N ASP A 88 3.12 1.10 -29.43
CA ASP A 88 3.31 2.42 -30.00
C ASP A 88 3.14 3.50 -28.95
N GLY A 89 3.59 3.21 -27.72
CA GLY A 89 3.64 4.22 -26.68
C GLY A 89 4.86 5.13 -26.85
N VAL A 90 4.97 6.17 -26.00
CA VAL A 90 6.17 6.99 -25.90
C VAL A 90 6.54 7.10 -24.41
N VAL A 91 7.80 6.82 -24.07
CA VAL A 91 8.30 7.06 -22.71
C VAL A 91 9.13 8.34 -22.74
N VAL A 92 8.86 9.27 -21.80
CA VAL A 92 9.48 10.59 -21.75
C VAL A 92 10.20 10.77 -20.41
N GLN A 93 11.47 11.15 -20.45
CA GLN A 93 12.26 11.43 -19.25
C GLN A 93 12.51 12.94 -19.22
N VAL A 94 12.15 13.60 -18.12
CA VAL A 94 12.27 15.04 -17.99
C VAL A 94 13.02 15.33 -16.69
N MET A 95 13.98 16.28 -16.77
CA MET A 95 14.62 16.89 -15.64
C MET A 95 14.53 18.40 -15.79
N GLY A 96 14.21 19.12 -14.70
CA GLY A 96 14.07 20.57 -14.77
C GLY A 96 14.08 21.24 -13.39
N LEU A 97 13.54 22.47 -13.37
CA LEU A 97 13.39 23.25 -12.17
C LEU A 97 11.95 23.76 -12.11
N LEU A 98 11.38 23.77 -10.90
CA LEU A 98 10.00 24.14 -10.65
C LEU A 98 9.92 24.99 -9.38
N SER A 99 9.08 26.04 -9.44
CA SER A 99 8.87 26.99 -8.35
C SER A 99 7.37 27.22 -8.20
N ASN A 100 6.86 27.21 -6.97
CA ASN A 100 5.45 27.50 -6.79
C ASN A 100 5.28 28.76 -5.94
N ASN A 101 4.36 29.63 -6.39
CA ASN A 101 4.14 30.93 -5.76
C ASN A 101 5.49 31.62 -5.57
N ASN A 102 6.25 31.73 -6.67
CA ASN A 102 7.48 32.50 -6.70
C ASN A 102 8.39 32.20 -5.50
N GLN A 103 8.43 30.95 -5.05
CA GLN A 103 9.48 30.54 -4.14
C GLN A 103 10.59 29.94 -4.98
N ALA A 104 11.62 29.40 -4.32
CA ALA A 104 12.82 28.93 -4.99
C ALA A 104 12.47 27.83 -5.98
N LEU A 105 13.24 27.82 -7.08
CA LEU A 105 13.25 26.76 -8.06
C LEU A 105 13.91 25.56 -7.41
N ARG A 106 13.26 24.39 -7.52
CA ARG A 106 13.80 23.13 -7.07
C ARG A 106 13.95 22.14 -8.24
N ARG A 107 15.02 21.32 -8.19
CA ARG A 107 15.36 20.35 -9.22
C ARG A 107 14.50 19.10 -9.12
N PHE A 108 14.22 18.47 -10.27
CA PHE A 108 13.26 17.40 -10.32
C PHE A 108 13.62 16.38 -11.40
N MET A 109 13.08 15.18 -11.20
CA MET A 109 13.25 14.06 -12.10
C MET A 109 11.89 13.44 -12.35
N GLN A 110 11.50 13.29 -13.63
CA GLN A 110 10.15 12.89 -14.02
C GLN A 110 10.19 11.88 -15.15
N THR A 111 9.19 10.98 -15.18
CA THR A 111 9.04 9.98 -16.22
C THR A 111 7.56 9.92 -16.59
N PHE A 112 7.25 10.09 -17.90
CA PHE A 112 5.89 9.98 -18.42
C PHE A 112 5.78 8.77 -19.35
N VAL A 113 4.60 8.11 -19.38
CA VAL A 113 4.27 7.15 -20.42
C VAL A 113 2.99 7.62 -21.11
N LEU A 114 3.07 7.81 -22.43
CA LEU A 114 1.94 8.23 -23.26
C LEU A 114 1.46 7.03 -24.07
N ALA A 115 0.15 6.73 -23.98
CA ALA A 115 -0.48 5.65 -24.74
C ALA A 115 -1.32 6.22 -25.87
N PRO A 116 -1.32 5.61 -27.07
CA PRO A 116 -2.28 5.95 -28.11
C PRO A 116 -3.73 5.81 -27.65
N GLU A 117 -4.56 6.81 -27.97
CA GLU A 117 -5.96 6.77 -27.60
C GLU A 117 -6.70 5.93 -28.65
N GLY A 118 -6.16 5.89 -29.89
CA GLY A 118 -6.63 5.00 -30.93
C GLY A 118 -7.78 5.57 -31.75
N SER A 119 -8.38 6.69 -31.29
CA SER A 119 -9.58 7.20 -31.90
C SER A 119 -9.25 8.00 -33.16
N VAL A 120 -8.72 9.22 -33.00
CA VAL A 120 -8.13 9.95 -34.11
C VAL A 120 -6.65 9.58 -34.19
N ALA A 121 -5.97 10.11 -35.21
CA ALA A 121 -4.52 10.01 -35.29
C ALA A 121 -3.90 11.09 -34.42
N ASN A 122 -2.72 10.77 -33.87
CA ASN A 122 -1.89 11.72 -33.15
C ASN A 122 -2.50 12.07 -31.80
N LYS A 123 -3.34 11.19 -31.25
CA LYS A 123 -4.08 11.45 -30.03
C LYS A 123 -3.62 10.49 -28.92
N PHE A 124 -3.11 11.07 -27.81
CA PHE A 124 -2.52 10.29 -26.75
C PHE A 124 -3.14 10.65 -25.39
N TYR A 125 -2.81 9.85 -24.37
CA TYR A 125 -3.24 10.15 -23.02
C TYR A 125 -2.08 9.74 -22.10
N VAL A 126 -2.05 10.28 -20.87
CA VAL A 126 -0.95 10.02 -19.96
C VAL A 126 -1.33 8.82 -19.09
N HIS A 127 -0.61 7.71 -19.26
CA HIS A 127 -0.87 6.49 -18.48
C HIS A 127 -0.13 6.54 -17.14
N ASN A 128 1.00 7.26 -17.13
CA ASN A 128 1.94 7.25 -16.02
C ASN A 128 2.59 8.62 -15.92
N ASP A 129 2.67 9.16 -14.69
CA ASP A 129 3.33 10.43 -14.40
C ASP A 129 4.08 10.29 -13.09
N ILE A 130 5.40 10.10 -13.15
CA ILE A 130 6.21 9.97 -11.94
C ILE A 130 7.08 11.23 -11.83
N PHE A 131 6.78 12.07 -10.83
CA PHE A 131 7.52 13.30 -10.57
C PHE A 131 8.05 13.28 -9.12
N ARG A 132 9.36 13.54 -8.97
CA ARG A 132 10.03 13.58 -7.66
C ARG A 132 11.02 14.73 -7.62
N TYR A 133 10.98 15.56 -6.56
CA TYR A 133 12.05 16.52 -6.35
C TYR A 133 13.27 15.79 -5.80
N GLN A 134 14.45 16.36 -6.09
CA GLN A 134 15.73 15.79 -5.70
C GLN A 134 16.03 16.01 -4.21
N ASP A 135 15.56 17.13 -3.63
CA ASP A 135 15.88 17.41 -2.22
C ASP A 135 15.19 16.39 -1.30
N GLU A 136 13.88 16.14 -1.52
CA GLU A 136 13.09 15.23 -0.70
C GLU A 136 13.57 13.78 -0.77
N VAL A 137 14.46 13.43 -1.71
CA VAL A 137 14.83 12.05 -2.00
C VAL A 137 16.32 11.82 -1.76
N PHE A 138 17.18 12.78 -2.14
CA PHE A 138 18.62 12.62 -2.01
C PHE A 138 19.15 13.00 -0.62
N MET B 1 -17.15 12.12 43.54
CA MET B 1 -16.03 11.34 44.13
C MET B 1 -15.40 10.52 43.02
N VAL B 2 -14.14 10.08 43.24
CA VAL B 2 -13.34 9.31 42.31
C VAL B 2 -14.10 8.07 41.88
N MET B 3 -14.39 7.93 40.58
CA MET B 3 -15.20 6.82 40.10
C MET B 3 -14.26 5.72 39.59
N GLU B 4 -14.82 4.55 39.23
CA GLU B 4 -14.06 3.46 38.62
C GLU B 4 -14.03 3.68 37.10
N LYS B 5 -13.26 2.85 36.39
CA LYS B 5 -13.31 2.81 34.94
C LYS B 5 -14.66 2.20 34.55
N PRO B 6 -15.28 2.61 33.41
CA PRO B 6 -16.60 2.10 33.04
C PRO B 6 -16.47 0.63 32.67
N SER B 7 -17.55 -0.15 32.86
CA SER B 7 -17.56 -1.57 32.51
C SER B 7 -17.23 -1.73 31.01
N PRO B 8 -16.11 -2.42 30.65
CA PRO B 8 -15.78 -2.67 29.23
C PRO B 8 -16.94 -3.24 28.40
N LEU B 9 -17.61 -4.30 28.88
CA LEU B 9 -18.67 -4.97 28.13
C LEU B 9 -19.89 -4.06 27.95
N LEU B 10 -20.30 -3.34 29.01
CA LEU B 10 -21.45 -2.45 28.95
C LEU B 10 -21.16 -1.29 28.01
N VAL B 11 -19.93 -0.77 28.08
CA VAL B 11 -19.40 0.18 27.09
C VAL B 11 -19.52 -0.42 25.68
N GLY B 12 -18.88 -1.58 25.47
CA GLY B 12 -18.93 -2.32 24.22
C GLY B 12 -20.34 -2.45 23.62
N ARG B 13 -21.30 -2.97 24.41
CA ARG B 13 -22.63 -3.32 23.92
C ARG B 13 -23.45 -2.08 23.57
N GLU B 14 -23.18 -0.95 24.24
CA GLU B 14 -23.94 0.27 24.01
C GLU B 14 -23.39 1.00 22.77
N PHE B 15 -22.13 0.71 22.40
CA PHE B 15 -21.58 1.33 21.21
C PHE B 15 -22.11 0.63 19.97
N VAL B 16 -21.99 -0.72 19.93
CA VAL B 16 -22.47 -1.53 18.82
C VAL B 16 -23.94 -1.23 18.52
N ARG B 17 -24.74 -0.87 19.54
CA ARG B 17 -26.14 -0.55 19.29
C ARG B 17 -26.27 0.81 18.63
N GLN B 18 -25.42 1.77 19.02
CA GLN B 18 -25.43 3.09 18.41
C GLN B 18 -24.89 3.02 16.99
N TYR B 19 -23.79 2.27 16.78
CA TYR B 19 -23.18 2.06 15.47
C TYR B 19 -24.18 1.58 14.42
N TYR B 20 -24.99 0.57 14.80
CA TYR B 20 -25.82 -0.12 13.83
C TYR B 20 -27.19 0.57 13.77
N THR B 21 -27.55 1.32 14.81
CA THR B 21 -28.67 2.26 14.73
C THR B 21 -28.40 3.32 13.67
N LEU B 22 -27.19 3.90 13.72
CA LEU B 22 -26.82 5.02 12.87
C LEU B 22 -26.67 4.57 11.42
N LEU B 23 -26.09 3.38 11.22
CA LEU B 23 -25.84 2.84 9.89
C LEU B 23 -27.15 2.58 9.11
N ASN B 24 -28.28 2.54 9.81
CA ASN B 24 -29.59 2.37 9.22
C ASN B 24 -30.27 3.72 9.01
N GLN B 25 -30.12 4.65 9.96
CA GLN B 25 -30.93 5.87 10.01
C GLN B 25 -30.21 7.04 9.32
N ALA B 26 -28.88 7.14 9.51
CA ALA B 26 -28.11 8.19 8.84
C ALA B 26 -26.70 7.67 8.60
N PRO B 27 -26.50 6.74 7.63
CA PRO B 27 -25.16 6.19 7.35
C PRO B 27 -24.17 7.28 6.95
N ASP B 28 -24.69 8.47 6.62
CA ASP B 28 -23.87 9.63 6.26
C ASP B 28 -23.20 10.23 7.49
N MET B 29 -23.70 9.86 8.69
CA MET B 29 -23.25 10.43 9.96
C MET B 29 -22.35 9.45 10.72
N LEU B 30 -21.96 8.33 10.09
CA LEU B 30 -21.06 7.37 10.71
C LEU B 30 -19.72 8.04 11.04
N HIS B 31 -19.29 8.95 10.15
CA HIS B 31 -17.97 9.55 10.22
C HIS B 31 -17.72 10.20 11.58
N ARG B 32 -18.79 10.46 12.34
CA ARG B 32 -18.68 11.21 13.58
C ARG B 32 -18.09 10.37 14.71
N PHE B 33 -17.95 9.06 14.51
CA PHE B 33 -17.38 8.19 15.53
C PHE B 33 -15.85 8.20 15.51
N TYR B 34 -15.25 8.70 14.42
CA TYR B 34 -13.87 8.44 14.04
C TYR B 34 -13.01 9.71 14.11
N GLY B 35 -11.71 9.53 14.38
CA GLY B 35 -10.73 10.60 14.37
C GLY B 35 -9.71 10.51 13.25
N LYS B 36 -8.63 11.30 13.39
CA LYS B 36 -7.63 11.51 12.35
C LYS B 36 -6.93 10.22 11.94
N ASN B 37 -6.61 9.36 12.93
CA ASN B 37 -5.79 8.18 12.70
C ASN B 37 -6.62 6.90 12.81
N SER B 38 -7.96 7.03 12.72
CA SER B 38 -8.86 5.89 12.81
C SER B 38 -8.80 5.09 11.53
N SER B 39 -8.63 3.77 11.64
CA SER B 39 -8.67 2.86 10.50
C SER B 39 -10.09 2.35 10.30
N TYR B 40 -10.47 2.05 9.04
CA TYR B 40 -11.81 1.59 8.67
C TYR B 40 -11.75 0.72 7.42
N VAL B 41 -12.48 -0.42 7.44
CA VAL B 41 -12.63 -1.31 6.29
C VAL B 41 -13.85 -2.20 6.52
N HIS B 42 -14.74 -2.22 5.52
CA HIS B 42 -16.00 -2.94 5.58
C HIS B 42 -16.02 -4.00 4.48
N GLY B 43 -15.09 -4.96 4.55
CA GLY B 43 -15.07 -6.09 3.61
C GLY B 43 -14.62 -5.69 2.20
N GLY B 44 -15.06 -6.48 1.21
CA GLY B 44 -14.96 -6.11 -0.19
C GLY B 44 -13.81 -6.83 -0.90
N LEU B 45 -13.92 -6.94 -2.23
CA LEU B 45 -12.91 -7.60 -3.03
C LEU B 45 -12.40 -6.63 -4.08
N ASP B 46 -11.09 -6.73 -4.40
CA ASP B 46 -10.45 -5.84 -5.37
C ASP B 46 -10.40 -6.52 -6.73
N SER B 47 -9.52 -6.00 -7.61
CA SER B 47 -9.41 -6.40 -9.00
C SER B 47 -8.92 -7.83 -9.13
N ASN B 48 -8.17 -8.30 -8.13
CA ASN B 48 -7.57 -9.62 -8.13
C ASN B 48 -8.43 -10.57 -7.29
N GLY B 49 -9.61 -10.10 -6.87
CA GLY B 49 -10.49 -10.86 -5.99
C GLY B 49 -9.86 -11.06 -4.61
N LYS B 50 -9.08 -10.04 -4.19
CA LYS B 50 -8.39 -10.05 -2.92
C LYS B 50 -9.16 -9.17 -1.96
N PRO B 51 -9.14 -9.48 -0.64
CA PRO B 51 -9.74 -8.61 0.38
C PRO B 51 -9.20 -7.17 0.35
N ALA B 52 -10.11 -6.19 0.18
CA ALA B 52 -9.77 -4.79 -0.03
C ALA B 52 -9.14 -4.16 1.22
N ASP B 53 -8.51 -2.98 1.05
CA ASP B 53 -7.65 -2.35 2.05
C ASP B 53 -8.40 -1.28 2.83
N ALA B 54 -7.82 -0.90 3.97
CA ALA B 54 -8.43 0.06 4.88
C ALA B 54 -8.09 1.48 4.43
N VAL B 55 -8.93 2.44 4.83
CA VAL B 55 -8.70 3.86 4.59
C VAL B 55 -8.52 4.54 5.94
N TYR B 56 -8.00 5.78 5.94
CA TYR B 56 -7.65 6.45 7.19
C TYR B 56 -8.16 7.89 7.29
N GLY B 57 -8.55 8.27 8.51
CA GLY B 57 -9.05 9.61 8.81
C GLY B 57 -10.51 9.79 8.39
N GLN B 58 -11.11 10.91 8.81
CA GLN B 58 -12.55 11.09 8.77
C GLN B 58 -13.10 11.43 7.38
N LYS B 59 -12.28 12.02 6.48
CA LYS B 59 -12.75 12.39 5.16
C LYS B 59 -12.79 11.15 4.27
N GLU B 60 -11.71 10.36 4.35
CA GLU B 60 -11.57 9.14 3.55
C GLU B 60 -12.59 8.09 3.98
N ILE B 61 -12.78 7.96 5.31
CA ILE B 61 -13.73 7.03 5.92
C ILE B 61 -15.14 7.40 5.47
N HIS B 62 -15.48 8.71 5.50
CA HIS B 62 -16.80 9.18 5.12
C HIS B 62 -17.11 8.91 3.64
N ARG B 63 -16.14 9.17 2.74
CA ARG B 63 -16.27 8.88 1.32
C ARG B 63 -16.54 7.39 1.09
N LYS B 64 -15.75 6.55 1.78
CA LYS B 64 -15.86 5.09 1.71
C LYS B 64 -17.23 4.63 2.20
N VAL B 65 -17.71 5.21 3.31
CA VAL B 65 -19.01 4.87 3.88
C VAL B 65 -20.11 5.28 2.90
N MET B 66 -19.97 6.46 2.26
CA MET B 66 -21.05 7.02 1.46
C MET B 66 -21.12 6.33 0.09
N SER B 67 -19.99 5.75 -0.36
CA SER B 67 -19.93 5.03 -1.62
C SER B 67 -20.54 3.64 -1.52
N GLN B 68 -20.91 3.19 -0.31
CA GLN B 68 -21.51 1.88 -0.12
C GLN B 68 -23.04 1.96 -0.12
N ASN B 69 -23.60 3.17 -0.37
CA ASN B 69 -25.03 3.36 -0.56
C ASN B 69 -25.82 2.45 0.38
N PHE B 70 -25.63 2.65 1.70
CA PHE B 70 -26.28 1.86 2.74
C PHE B 70 -27.76 2.25 2.83
N THR B 71 -28.63 1.40 2.25
CA THR B 71 -30.07 1.63 2.22
C THR B 71 -30.78 0.60 3.10
N ASN B 72 -31.69 1.07 3.98
CA ASN B 72 -32.56 0.21 4.79
C ASN B 72 -31.78 -1.04 5.22
N CYS B 73 -30.68 -0.78 5.92
CA CYS B 73 -29.70 -1.79 6.31
C CYS B 73 -30.18 -2.50 7.57
N HIS B 74 -30.32 -3.83 7.54
CA HIS B 74 -30.82 -4.59 8.69
C HIS B 74 -29.72 -5.47 9.28
N THR B 75 -29.59 -5.44 10.62
CA THR B 75 -28.49 -6.10 11.31
C THR B 75 -29.04 -7.07 12.36
N LYS B 76 -28.35 -8.19 12.53
CA LYS B 76 -28.58 -9.10 13.63
C LYS B 76 -27.23 -9.38 14.28
N ILE B 77 -27.06 -8.92 15.54
CA ILE B 77 -25.85 -9.17 16.30
C ILE B 77 -25.97 -10.52 16.99
N ARG B 78 -24.93 -11.36 16.86
CA ARG B 78 -24.97 -12.72 17.40
C ARG B 78 -23.98 -12.90 18.54
N HIS B 79 -23.09 -11.90 18.76
CA HIS B 79 -21.99 -12.02 19.71
C HIS B 79 -21.32 -10.66 19.89
N VAL B 80 -21.22 -10.21 21.16
CA VAL B 80 -20.47 -9.03 21.56
C VAL B 80 -19.62 -9.41 22.78
N ASP B 81 -18.29 -9.24 22.66
CA ASP B 81 -17.32 -9.58 23.70
C ASP B 81 -16.34 -8.42 23.76
N ALA B 82 -16.22 -7.82 24.95
CA ALA B 82 -15.40 -6.63 25.15
C ALA B 82 -14.46 -6.84 26.35
N HIS B 83 -13.27 -6.24 26.26
CA HIS B 83 -12.27 -6.34 27.30
C HIS B 83 -11.51 -5.02 27.37
N ALA B 84 -10.89 -4.75 28.52
CA ALA B 84 -10.07 -3.55 28.64
C ALA B 84 -8.76 -3.80 27.91
N THR B 85 -8.20 -2.73 27.32
CA THR B 85 -6.93 -2.80 26.61
C THR B 85 -6.09 -1.57 27.00
N LEU B 86 -4.88 -1.47 26.42
CA LEU B 86 -3.94 -0.41 26.74
C LEU B 86 -4.65 0.94 26.88
N ASN B 87 -4.21 1.74 27.87
CA ASN B 87 -4.52 3.16 27.87
C ASN B 87 -6.01 3.38 28.14
N ASP B 88 -6.65 2.43 28.85
CA ASP B 88 -8.05 2.54 29.24
C ASP B 88 -9.00 2.45 28.04
N GLY B 89 -8.56 1.83 26.94
CA GLY B 89 -9.43 1.61 25.78
C GLY B 89 -10.23 0.32 25.91
N VAL B 90 -11.19 0.08 24.99
CA VAL B 90 -11.98 -1.14 25.00
C VAL B 90 -11.85 -1.80 23.64
N VAL B 91 -11.35 -3.05 23.61
CA VAL B 91 -11.40 -3.86 22.39
C VAL B 91 -12.74 -4.60 22.36
N VAL B 92 -13.42 -4.59 21.19
CA VAL B 92 -14.76 -5.13 21.04
C VAL B 92 -14.77 -6.09 19.85
N GLN B 93 -15.23 -7.33 20.06
CA GLN B 93 -15.33 -8.33 19.01
C GLN B 93 -16.81 -8.55 18.73
N VAL B 94 -17.19 -8.52 17.45
CA VAL B 94 -18.58 -8.58 17.03
C VAL B 94 -18.71 -9.60 15.89
N MET B 95 -19.80 -10.39 15.94
CA MET B 95 -20.22 -11.34 14.91
C MET B 95 -21.72 -11.25 14.80
N GLY B 96 -22.24 -11.16 13.57
CA GLY B 96 -23.66 -11.00 13.30
C GLY B 96 -23.98 -11.28 11.84
N LEU B 97 -25.10 -10.71 11.36
CA LEU B 97 -25.49 -10.82 9.96
C LEU B 97 -26.01 -9.46 9.53
N LEU B 98 -25.87 -9.17 8.25
CA LEU B 98 -26.16 -7.84 7.73
C LEU B 98 -26.71 -7.99 6.32
N SER B 99 -27.82 -7.29 6.07
CA SER B 99 -28.38 -7.16 4.73
C SER B 99 -28.47 -5.69 4.34
N ASN B 100 -27.96 -5.38 3.15
CA ASN B 100 -28.25 -4.08 2.55
C ASN B 100 -29.36 -4.25 1.53
N ASN B 101 -30.32 -3.32 1.56
CA ASN B 101 -31.35 -3.19 0.54
C ASN B 101 -32.19 -4.48 0.49
N ASN B 102 -32.58 -4.98 1.66
CA ASN B 102 -33.55 -6.06 1.76
C ASN B 102 -33.12 -7.26 0.91
N GLN B 103 -31.81 -7.55 0.85
CA GLN B 103 -31.34 -8.76 0.21
C GLN B 103 -30.89 -9.71 1.32
N ALA B 104 -30.31 -10.86 0.94
CA ALA B 104 -29.97 -11.92 1.88
C ALA B 104 -28.97 -11.42 2.92
N LEU B 105 -29.12 -11.94 4.14
CA LEU B 105 -28.25 -11.62 5.27
C LEU B 105 -26.91 -12.33 5.08
N ARG B 106 -25.81 -11.58 5.25
CA ARG B 106 -24.47 -12.13 5.12
C ARG B 106 -23.73 -12.08 6.47
N ARG B 107 -23.06 -13.19 6.81
CA ARG B 107 -22.34 -13.34 8.06
C ARG B 107 -21.05 -12.51 8.06
N PHE B 108 -20.77 -11.87 9.19
CA PHE B 108 -19.61 -11.02 9.29
C PHE B 108 -18.84 -11.28 10.58
N MET B 109 -17.57 -10.84 10.53
CA MET B 109 -16.67 -10.84 11.67
C MET B 109 -16.01 -9.46 11.78
N GLN B 110 -16.04 -8.87 13.00
CA GLN B 110 -15.68 -7.46 13.20
C GLN B 110 -14.94 -7.24 14.50
N THR B 111 -14.04 -6.25 14.51
CA THR B 111 -13.28 -5.86 15.70
C THR B 111 -13.26 -4.33 15.78
N PHE B 112 -13.54 -3.78 16.97
CA PHE B 112 -13.46 -2.35 17.26
C PHE B 112 -12.43 -2.06 18.37
N VAL B 113 -11.75 -0.92 18.28
CA VAL B 113 -10.94 -0.40 19.37
C VAL B 113 -11.49 0.99 19.68
N LEU B 114 -12.05 1.14 20.90
CA LEU B 114 -12.63 2.39 21.38
C LEU B 114 -11.65 3.04 22.35
N ALA B 115 -11.14 4.22 21.99
CA ALA B 115 -10.20 4.93 22.85
C ALA B 115 -10.90 6.05 23.60
N PRO B 116 -10.55 6.30 24.89
CA PRO B 116 -11.05 7.46 25.62
C PRO B 116 -10.81 8.78 24.88
N GLU B 117 -11.79 9.69 24.96
CA GLU B 117 -11.65 10.94 24.23
C GLU B 117 -10.83 11.89 25.10
N GLY B 118 -11.09 11.87 26.43
CA GLY B 118 -10.27 12.58 27.39
C GLY B 118 -10.92 13.86 27.92
N SER B 119 -11.74 14.53 27.09
CA SER B 119 -12.52 15.69 27.52
C SER B 119 -13.45 15.27 28.66
N VAL B 120 -14.66 14.81 28.31
CA VAL B 120 -15.66 14.45 29.30
C VAL B 120 -15.36 13.03 29.79
N ALA B 121 -15.98 12.62 30.90
CA ALA B 121 -15.86 11.26 31.39
C ALA B 121 -16.73 10.33 30.55
N ASN B 122 -16.28 9.08 30.41
CA ASN B 122 -17.02 8.04 29.71
C ASN B 122 -17.29 8.43 28.26
N LYS B 123 -16.34 9.14 27.64
CA LYS B 123 -16.46 9.57 26.26
C LYS B 123 -15.36 8.90 25.45
N PHE B 124 -15.75 8.23 24.35
CA PHE B 124 -14.85 7.42 23.55
C PHE B 124 -14.91 7.84 22.08
N TYR B 125 -13.87 7.50 21.32
CA TYR B 125 -13.90 7.56 19.86
C TYR B 125 -13.40 6.22 19.31
N VAL B 126 -13.88 5.82 18.12
CA VAL B 126 -13.45 4.60 17.46
C VAL B 126 -12.09 4.84 16.77
N HIS B 127 -11.02 4.23 17.32
CA HIS B 127 -9.69 4.25 16.72
C HIS B 127 -9.59 3.22 15.57
N ASN B 128 -10.39 2.14 15.59
CA ASN B 128 -10.23 1.05 14.65
C ASN B 128 -11.58 0.36 14.39
N ASP B 129 -11.87 0.12 13.09
CA ASP B 129 -13.07 -0.57 12.63
C ASP B 129 -12.65 -1.63 11.60
N ILE B 130 -12.73 -2.92 11.96
CA ILE B 130 -12.36 -4.00 11.04
C ILE B 130 -13.54 -4.94 10.87
N PHE B 131 -14.22 -4.81 9.73
CA PHE B 131 -15.39 -5.60 9.39
C PHE B 131 -15.08 -6.41 8.14
N ARG B 132 -15.38 -7.71 8.18
CA ARG B 132 -15.12 -8.64 7.09
C ARG B 132 -16.31 -9.60 6.96
N TYR B 133 -16.86 -9.72 5.74
CA TYR B 133 -17.80 -10.78 5.43
C TYR B 133 -17.05 -12.12 5.35
N GLN B 134 -17.71 -13.20 5.80
CA GLN B 134 -17.15 -14.54 5.72
C GLN B 134 -17.11 -15.06 4.28
N ASP B 135 -18.13 -14.75 3.46
CA ASP B 135 -18.18 -15.24 2.09
C ASP B 135 -16.96 -14.77 1.26
N GLU B 136 -16.62 -13.47 1.34
CA GLU B 136 -15.54 -12.88 0.54
C GLU B 136 -14.16 -13.34 1.02
N VAL B 137 -14.08 -14.12 2.12
CA VAL B 137 -12.82 -14.39 2.81
C VAL B 137 -12.61 -15.89 2.97
N PHE B 138 -13.65 -16.60 3.42
CA PHE B 138 -13.53 -18.04 3.55
C PHE B 138 -13.77 -18.68 2.19
N GLY B 139 -14.36 -17.91 1.26
CA GLY B 139 -14.40 -18.25 -0.15
C GLY B 139 -13.06 -18.08 -0.84
N MET C 3 12.70 5.76 14.71
CA MET C 3 11.82 6.94 14.98
C MET C 3 10.42 6.69 14.42
N GLU C 4 10.32 6.31 13.14
CA GLU C 4 9.06 5.84 12.59
C GLU C 4 8.78 4.45 13.17
N LYS C 5 7.50 4.18 13.48
CA LYS C 5 7.09 2.93 14.10
C LYS C 5 7.26 1.78 13.10
N PRO C 6 7.48 0.52 13.58
CA PRO C 6 7.42 -0.66 12.70
C PRO C 6 6.09 -0.77 11.95
N SER C 7 6.12 -1.36 10.75
CA SER C 7 4.93 -1.53 9.95
C SER C 7 3.93 -2.40 10.71
N PRO C 8 2.67 -1.92 10.91
CA PRO C 8 1.64 -2.71 11.59
C PRO C 8 1.40 -4.09 10.96
N LEU C 9 1.36 -4.15 9.63
CA LEU C 9 1.07 -5.39 8.92
C LEU C 9 2.22 -6.40 9.04
N LEU C 10 3.48 -5.93 9.01
CA LEU C 10 4.65 -6.80 9.11
C LEU C 10 4.83 -7.34 10.53
N VAL C 11 4.49 -6.53 11.53
CA VAL C 11 4.46 -6.96 12.91
C VAL C 11 3.44 -8.09 13.08
N GLY C 12 2.24 -7.89 12.49
CA GLY C 12 1.14 -8.84 12.56
C GLY C 12 1.48 -10.20 11.96
N ARG C 13 1.96 -10.21 10.71
CA ARG C 13 2.24 -11.44 9.99
C ARG C 13 3.28 -12.28 10.72
N GLU C 14 4.36 -11.65 11.16
CA GLU C 14 5.39 -12.31 11.94
C GLU C 14 4.75 -12.88 13.21
N PHE C 15 3.99 -12.07 13.95
CA PHE C 15 3.38 -12.55 15.19
C PHE C 15 2.49 -13.75 14.93
N VAL C 16 1.71 -13.70 13.85
CA VAL C 16 0.75 -14.75 13.52
C VAL C 16 1.47 -16.07 13.19
N ARG C 17 2.56 -16.03 12.41
CA ARG C 17 3.25 -17.28 12.08
C ARG C 17 3.91 -17.83 13.34
N GLN C 18 4.37 -16.96 14.24
CA GLN C 18 4.96 -17.39 15.50
C GLN C 18 3.91 -18.05 16.41
N TYR C 19 2.68 -17.51 16.44
CA TYR C 19 1.66 -17.94 17.41
C TYR C 19 1.14 -19.34 17.04
N TYR C 20 0.75 -19.54 15.79
CA TYR C 20 0.14 -20.82 15.39
C TYR C 20 1.22 -21.90 15.23
N THR C 21 2.49 -21.49 14.99
CA THR C 21 3.61 -22.41 14.95
C THR C 21 3.76 -23.12 16.31
N LEU C 22 3.54 -22.36 17.38
CA LEU C 22 3.79 -22.79 18.74
C LEU C 22 2.56 -23.51 19.30
N LEU C 23 1.37 -22.99 18.95
CA LEU C 23 0.10 -23.64 19.24
C LEU C 23 0.12 -25.10 18.77
N ASN C 24 0.65 -25.33 17.56
CA ASN C 24 0.65 -26.64 16.92
C ASN C 24 1.84 -27.49 17.37
N GLN C 25 2.76 -26.96 18.22
CA GLN C 25 4.05 -27.59 18.48
C GLN C 25 4.58 -27.44 19.91
N ALA C 26 4.01 -26.57 20.75
CA ALA C 26 4.49 -26.44 22.12
C ALA C 26 3.56 -25.53 22.92
N PRO C 27 2.24 -25.85 23.05
CA PRO C 27 1.31 -24.98 23.77
C PRO C 27 1.70 -24.73 25.24
N ASP C 28 2.57 -25.60 25.75
CA ASP C 28 3.17 -25.41 27.07
C ASP C 28 4.05 -24.15 27.08
N MET C 29 4.48 -23.68 25.91
CA MET C 29 5.35 -22.52 25.81
C MET C 29 4.55 -21.26 25.42
N LEU C 30 3.23 -21.41 25.21
CA LEU C 30 2.42 -20.32 24.71
C LEU C 30 2.42 -19.15 25.71
N HIS C 31 2.45 -19.47 27.01
CA HIS C 31 2.35 -18.48 28.07
C HIS C 31 3.44 -17.40 27.98
N ARG C 32 4.49 -17.60 27.17
CA ARG C 32 5.63 -16.69 27.06
C ARG C 32 5.33 -15.42 26.25
N PHE C 33 4.09 -15.21 25.79
CA PHE C 33 3.73 -14.06 25.00
C PHE C 33 3.01 -12.99 25.83
N TYR C 34 2.59 -13.38 27.04
CA TYR C 34 1.63 -12.60 27.82
C TYR C 34 2.30 -12.00 29.07
N GLY C 35 1.67 -10.98 29.65
CA GLY C 35 2.16 -10.33 30.86
C GLY C 35 1.21 -10.46 32.06
N LYS C 36 1.52 -9.74 33.16
CA LYS C 36 0.78 -9.85 34.42
C LYS C 36 -0.70 -9.49 34.22
N ASN C 37 -0.99 -8.57 33.27
CA ASN C 37 -2.33 -8.04 33.08
C ASN C 37 -2.97 -8.44 31.74
N SER C 38 -2.39 -9.39 31.01
CA SER C 38 -2.93 -9.83 29.72
C SER C 38 -4.18 -10.70 29.92
N SER C 39 -5.27 -10.42 29.15
CA SER C 39 -6.48 -11.23 29.16
C SER C 39 -6.45 -12.26 28.01
N TYR C 40 -7.06 -13.42 28.24
CA TYR C 40 -7.05 -14.56 27.32
C TYR C 40 -8.42 -15.24 27.41
N VAL C 41 -9.15 -15.28 26.29
CA VAL C 41 -10.51 -15.80 26.22
C VAL C 41 -10.62 -16.75 25.01
N HIS C 42 -10.81 -18.05 25.28
CA HIS C 42 -10.86 -19.08 24.24
C HIS C 42 -12.12 -19.95 24.39
N ASP C 53 -15.38 -16.26 29.67
CA ASP C 53 -14.80 -15.83 30.98
C ASP C 53 -13.29 -15.84 30.92
N ALA C 54 -12.68 -14.64 30.98
CA ALA C 54 -11.25 -14.45 30.75
C ALA C 54 -10.41 -14.91 31.94
N VAL C 55 -9.14 -15.22 31.66
CA VAL C 55 -8.15 -15.59 32.65
C VAL C 55 -6.98 -14.62 32.46
N TYR C 56 -6.30 -14.20 33.54
CA TYR C 56 -5.26 -13.18 33.43
C TYR C 56 -3.92 -13.66 33.97
N GLY C 57 -2.83 -13.16 33.39
CA GLY C 57 -1.48 -13.50 33.83
C GLY C 57 -0.96 -14.80 33.22
N GLN C 58 0.37 -14.99 33.25
CA GLN C 58 1.01 -16.10 32.57
C GLN C 58 0.57 -17.45 33.16
N LYS C 59 0.50 -17.55 34.49
CA LYS C 59 0.36 -18.83 35.17
C LYS C 59 -1.02 -19.43 34.95
N GLU C 60 -2.05 -18.57 34.97
CA GLU C 60 -3.43 -19.00 34.80
C GLU C 60 -3.73 -19.26 33.32
N ILE C 61 -3.03 -18.52 32.44
CA ILE C 61 -3.11 -18.73 31.00
C ILE C 61 -2.47 -20.07 30.64
N HIS C 62 -1.30 -20.35 31.23
CA HIS C 62 -0.68 -21.67 31.08
C HIS C 62 -1.64 -22.76 31.55
N ARG C 63 -2.37 -22.52 32.64
CA ARG C 63 -3.31 -23.50 33.15
C ARG C 63 -4.47 -23.67 32.16
N LYS C 64 -4.89 -22.57 31.52
CA LYS C 64 -6.03 -22.62 30.61
C LYS C 64 -5.64 -23.34 29.32
N VAL C 65 -4.49 -22.97 28.76
CA VAL C 65 -4.01 -23.54 27.51
C VAL C 65 -3.83 -25.05 27.66
N MET C 66 -3.20 -25.46 28.77
CA MET C 66 -2.86 -26.84 29.03
C MET C 66 -4.11 -27.69 29.22
N SER C 67 -5.17 -27.13 29.84
CA SER C 67 -6.44 -27.81 30.00
C SER C 67 -7.06 -28.10 28.63
N GLN C 68 -7.24 -27.05 27.81
CA GLN C 68 -7.61 -27.18 26.42
C GLN C 68 -6.66 -28.17 25.76
N ASN C 69 -7.16 -29.34 25.37
CA ASN C 69 -6.26 -30.44 25.02
C ASN C 69 -5.93 -30.39 23.53
N PHE C 70 -4.86 -29.67 23.18
CA PHE C 70 -4.44 -29.49 21.80
C PHE C 70 -3.72 -30.74 21.32
N THR C 71 -4.32 -31.45 20.35
CA THR C 71 -3.82 -32.73 19.87
C THR C 71 -4.02 -32.79 18.35
N ASN C 72 -2.98 -33.15 17.61
CA ASN C 72 -3.05 -33.21 16.15
C ASN C 72 -3.66 -31.90 15.63
N CYS C 73 -3.20 -30.78 16.20
CA CYS C 73 -3.75 -29.45 15.97
C CYS C 73 -3.33 -28.94 14.59
N HIS C 74 -4.28 -28.35 13.86
CA HIS C 74 -4.02 -27.88 12.50
C HIS C 74 -4.81 -26.61 12.20
N THR C 75 -4.14 -25.67 11.53
CA THR C 75 -4.58 -24.29 11.40
C THR C 75 -4.50 -23.87 9.94
N LYS C 76 -5.55 -23.23 9.42
CA LYS C 76 -5.55 -22.64 8.09
C LYS C 76 -5.94 -21.16 8.16
N ILE C 77 -5.01 -20.24 7.89
CA ILE C 77 -5.28 -18.82 8.01
C ILE C 77 -5.67 -18.27 6.64
N ARG C 78 -6.94 -17.83 6.53
CA ARG C 78 -7.50 -17.27 5.31
C ARG C 78 -7.13 -15.80 5.18
N HIS C 79 -7.20 -15.02 6.28
CA HIS C 79 -6.87 -13.61 6.23
C HIS C 79 -6.34 -13.09 7.57
N VAL C 80 -5.57 -11.99 7.47
CA VAL C 80 -5.03 -11.27 8.62
C VAL C 80 -5.12 -9.77 8.34
N ASP C 81 -5.81 -9.05 9.20
CA ASP C 81 -5.84 -7.60 9.20
C ASP C 81 -5.11 -7.08 10.43
N ALA C 82 -4.21 -6.10 10.22
CA ALA C 82 -3.39 -5.54 11.27
C ALA C 82 -3.26 -4.03 11.06
N HIS C 83 -3.52 -3.26 12.13
CA HIS C 83 -3.58 -1.81 12.06
C HIS C 83 -2.94 -1.24 13.32
N ALA C 84 -2.43 0.00 13.20
CA ALA C 84 -1.85 0.70 14.33
C ALA C 84 -3.01 1.19 15.20
N THR C 85 -2.83 1.11 16.53
CA THR C 85 -3.86 1.47 17.48
C THR C 85 -3.21 2.25 18.64
N LEU C 86 -3.98 2.44 19.72
CA LEU C 86 -3.62 3.25 20.87
C LEU C 86 -2.23 2.93 21.39
N ASN C 87 -1.52 3.96 21.88
CA ASN C 87 -0.36 3.77 22.75
C ASN C 87 0.73 2.99 22.02
N ASP C 88 0.77 3.13 20.69
CA ASP C 88 1.75 2.40 19.89
C ASP C 88 1.43 0.89 19.86
N GLY C 89 0.13 0.57 19.80
CA GLY C 89 -0.31 -0.81 19.68
C GLY C 89 -0.58 -1.24 18.24
N VAL C 90 -0.72 -2.56 18.06
CA VAL C 90 -1.19 -3.15 16.81
C VAL C 90 -2.39 -4.02 17.15
N VAL C 91 -3.53 -3.76 16.49
CA VAL C 91 -4.70 -4.61 16.67
C VAL C 91 -4.77 -5.58 15.49
N VAL C 92 -4.99 -6.87 15.76
CA VAL C 92 -4.93 -7.93 14.76
C VAL C 92 -6.24 -8.71 14.77
N GLN C 93 -6.94 -8.82 13.62
CA GLN C 93 -8.06 -9.74 13.46
C GLN C 93 -7.73 -10.86 12.48
N VAL C 94 -7.64 -12.11 12.97
CA VAL C 94 -7.31 -13.28 12.17
C VAL C 94 -8.59 -14.09 11.90
N MET C 95 -8.65 -14.66 10.68
CA MET C 95 -9.80 -15.41 10.20
C MET C 95 -9.26 -16.71 9.62
N GLY C 96 -9.71 -17.86 10.15
CA GLY C 96 -9.12 -19.13 9.76
C GLY C 96 -9.96 -20.33 10.17
N LEU C 97 -9.34 -21.51 10.14
CA LEU C 97 -9.96 -22.77 10.54
C LEU C 97 -8.95 -23.56 11.36
N LEU C 98 -9.46 -24.33 12.32
CA LEU C 98 -8.63 -25.05 13.28
C LEU C 98 -9.22 -26.44 13.45
N SER C 99 -8.33 -27.45 13.51
CA SER C 99 -8.70 -28.83 13.82
C SER C 99 -7.93 -29.32 15.04
N ASN C 100 -8.68 -29.82 16.03
CA ASN C 100 -8.14 -30.32 17.28
C ASN C 100 -8.68 -31.74 17.46
N ASN C 101 -7.77 -32.71 17.68
CA ASN C 101 -8.15 -34.08 18.03
C ASN C 101 -8.90 -34.74 16.88
N ASN C 102 -8.50 -34.41 15.65
CA ASN C 102 -8.98 -35.06 14.44
C ASN C 102 -10.40 -34.57 14.08
N GLN C 103 -10.88 -33.51 14.73
CA GLN C 103 -12.24 -33.03 14.50
C GLN C 103 -12.22 -32.09 13.30
N ALA C 104 -13.41 -31.82 12.72
CA ALA C 104 -13.51 -31.13 11.45
C ALA C 104 -13.05 -29.67 11.60
N LEU C 105 -12.32 -29.20 10.59
CA LEU C 105 -11.90 -27.80 10.48
C LEU C 105 -13.08 -26.86 10.72
N ARG C 106 -12.99 -26.12 11.83
CA ARG C 106 -14.05 -25.20 12.25
C ARG C 106 -13.55 -23.78 12.07
N ARG C 107 -14.39 -22.96 11.43
CA ARG C 107 -14.11 -21.57 11.14
C ARG C 107 -14.04 -20.80 12.45
N PHE C 108 -13.06 -19.89 12.56
CA PHE C 108 -12.92 -19.08 13.76
C PHE C 108 -12.58 -17.64 13.40
N MET C 109 -12.73 -16.77 14.41
CA MET C 109 -12.20 -15.42 14.41
C MET C 109 -11.41 -15.22 15.69
N GLN C 110 -10.28 -14.48 15.60
CA GLN C 110 -9.39 -14.23 16.73
C GLN C 110 -8.89 -12.79 16.68
N THR C 111 -9.04 -12.08 17.82
CA THR C 111 -8.69 -10.68 17.96
C THR C 111 -7.51 -10.53 18.92
N PHE C 112 -6.41 -9.96 18.45
CA PHE C 112 -5.24 -9.77 19.29
C PHE C 112 -4.94 -8.28 19.44
N VAL C 113 -4.47 -7.86 20.62
CA VAL C 113 -3.80 -6.58 20.74
C VAL C 113 -2.36 -6.85 21.17
N LEU C 114 -1.41 -6.27 20.43
CA LEU C 114 0.02 -6.39 20.71
C LEU C 114 0.51 -5.04 21.22
N ALA C 115 1.09 -5.03 22.43
CA ALA C 115 1.59 -3.80 23.04
C ALA C 115 3.10 -3.83 23.16
N PRO C 116 3.83 -2.69 22.97
CA PRO C 116 5.30 -2.67 23.08
C PRO C 116 5.81 -3.03 24.48
N GLU C 117 6.90 -3.80 24.55
CA GLU C 117 7.36 -4.35 25.82
C GLU C 117 7.92 -3.22 26.70
N GLY C 118 8.56 -2.24 26.08
CA GLY C 118 9.08 -1.10 26.80
C GLY C 118 10.27 -0.52 26.05
N SER C 119 11.43 -0.49 26.70
CA SER C 119 12.63 0.02 26.05
C SER C 119 13.00 -0.86 24.85
N VAL C 120 13.00 -2.19 25.01
CA VAL C 120 13.58 -3.10 24.01
C VAL C 120 13.00 -2.78 22.63
N ALA C 121 13.87 -2.68 21.62
CA ALA C 121 13.48 -2.32 20.26
C ALA C 121 12.78 -3.49 19.56
N ASN C 122 11.75 -3.16 18.73
CA ASN C 122 10.99 -4.08 17.90
C ASN C 122 10.51 -5.33 18.66
N LYS C 123 10.09 -5.14 19.92
CA LYS C 123 9.64 -6.22 20.79
C LYS C 123 8.23 -5.89 21.29
N PHE C 124 7.37 -6.92 21.37
CA PHE C 124 5.99 -6.80 21.84
C PHE C 124 5.59 -7.96 22.76
N TYR C 125 4.49 -7.77 23.51
CA TYR C 125 3.79 -8.84 24.22
C TYR C 125 2.31 -8.77 23.86
N VAL C 126 1.59 -9.89 24.02
CA VAL C 126 0.16 -9.94 23.76
C VAL C 126 -0.59 -9.38 24.97
N HIS C 127 -1.34 -8.27 24.80
CA HIS C 127 -2.13 -7.73 25.91
C HIS C 127 -3.53 -8.34 25.94
N ASN C 128 -4.05 -8.78 24.78
CA ASN C 128 -5.40 -9.34 24.64
C ASN C 128 -5.39 -10.44 23.57
N ASP C 129 -6.08 -11.55 23.87
CA ASP C 129 -6.24 -12.71 23.00
C ASP C 129 -7.68 -13.20 23.13
N ILE C 130 -8.49 -13.01 22.09
CA ILE C 130 -9.91 -13.35 22.13
C ILE C 130 -10.23 -14.25 20.95
N PHE C 131 -10.87 -15.39 21.22
CA PHE C 131 -11.08 -16.41 20.19
C PHE C 131 -12.49 -16.96 20.36
N ARG C 132 -13.18 -17.16 19.22
CA ARG C 132 -14.55 -17.62 19.19
C ARG C 132 -14.81 -18.38 17.91
N TYR C 133 -15.17 -19.67 18.09
CA TYR C 133 -15.69 -20.50 17.03
C TYR C 133 -16.99 -19.89 16.50
N GLN C 134 -17.03 -19.74 15.18
CA GLN C 134 -18.13 -19.07 14.49
C GLN C 134 -19.37 -19.94 14.57
N ASP C 135 -19.17 -21.27 14.64
CA ASP C 135 -20.29 -22.21 14.54
C ASP C 135 -21.18 -22.15 15.79
N GLU C 136 -20.66 -21.66 16.93
CA GLU C 136 -21.39 -21.66 18.19
C GLU C 136 -22.29 -20.44 18.31
N VAL C 137 -22.51 -19.71 17.20
CA VAL C 137 -22.97 -18.33 17.26
C VAL C 137 -24.12 -18.12 16.26
N PHE C 138 -24.11 -18.87 15.14
CA PHE C 138 -25.03 -18.65 14.05
C PHE C 138 -25.98 -19.85 13.92
N VAL D 2 -6.99 -8.02 -14.18
CA VAL D 2 -7.80 -8.86 -13.26
C VAL D 2 -7.42 -10.34 -13.40
N MET D 3 -6.16 -10.63 -13.79
CA MET D 3 -5.70 -12.00 -14.00
C MET D 3 -4.74 -12.39 -12.86
N GLU D 4 -4.84 -11.66 -11.75
CA GLU D 4 -3.75 -11.63 -10.80
C GLU D 4 -2.48 -11.24 -11.57
N LYS D 5 -2.45 -9.98 -12.01
CA LYS D 5 -1.22 -9.38 -12.49
C LYS D 5 -0.25 -9.31 -11.32
N PRO D 6 1.06 -9.64 -11.52
CA PRO D 6 2.08 -9.41 -10.50
C PRO D 6 2.07 -7.98 -9.95
N SER D 7 2.52 -7.83 -8.69
CA SER D 7 2.67 -6.53 -8.05
C SER D 7 3.77 -5.76 -8.77
N PRO D 8 3.51 -4.56 -9.35
CA PRO D 8 4.55 -3.84 -10.10
C PRO D 8 5.76 -3.48 -9.25
N LEU D 9 5.52 -3.10 -7.98
CA LEU D 9 6.57 -2.71 -7.05
C LEU D 9 7.52 -3.88 -6.77
N LEU D 10 6.97 -5.07 -6.51
CA LEU D 10 7.75 -6.28 -6.23
C LEU D 10 8.56 -6.71 -7.47
N VAL D 11 7.95 -6.54 -8.66
CA VAL D 11 8.60 -6.80 -9.94
C VAL D 11 9.70 -5.79 -10.15
N GLY D 12 9.40 -4.51 -9.84
CA GLY D 12 10.36 -3.40 -9.85
C GLY D 12 11.59 -3.63 -8.98
N ARG D 13 11.39 -3.91 -7.69
CA ARG D 13 12.47 -4.06 -6.71
C ARG D 13 13.33 -5.30 -6.99
N GLU D 14 12.72 -6.33 -7.60
CA GLU D 14 13.45 -7.54 -7.95
C GLU D 14 14.34 -7.28 -9.16
N PHE D 15 13.86 -6.51 -10.14
CA PHE D 15 14.65 -6.25 -11.32
C PHE D 15 15.85 -5.36 -10.97
N VAL D 16 15.59 -4.34 -10.15
CA VAL D 16 16.57 -3.36 -9.72
C VAL D 16 17.70 -4.02 -8.90
N ARG D 17 17.40 -4.97 -8.02
CA ARG D 17 18.49 -5.62 -7.31
C ARG D 17 19.30 -6.44 -8.31
N GLN D 18 18.63 -7.15 -9.23
CA GLN D 18 19.32 -8.01 -10.19
C GLN D 18 20.22 -7.19 -11.12
N TYR D 19 19.72 -6.05 -11.59
CA TYR D 19 20.44 -5.19 -12.54
C TYR D 19 21.73 -4.64 -11.89
N TYR D 20 21.60 -3.94 -10.76
CA TYR D 20 22.76 -3.30 -10.15
C TYR D 20 23.73 -4.33 -9.55
N THR D 21 23.22 -5.46 -9.07
CA THR D 21 24.05 -6.61 -8.70
C THR D 21 24.95 -7.03 -9.85
N LEU D 22 24.38 -7.10 -11.06
CA LEU D 22 25.09 -7.59 -12.23
C LEU D 22 25.99 -6.51 -12.78
N LEU D 23 25.49 -5.28 -12.88
CA LEU D 23 26.32 -4.15 -13.28
C LEU D 23 27.62 -4.12 -12.47
N ASN D 24 27.53 -4.47 -11.17
CA ASN D 24 28.70 -4.53 -10.32
C ASN D 24 29.53 -5.77 -10.61
N GLN D 25 28.90 -6.95 -10.53
CA GLN D 25 29.59 -8.23 -10.50
C GLN D 25 30.06 -8.68 -11.88
N ALA D 26 29.28 -8.42 -12.94
CA ALA D 26 29.65 -8.84 -14.29
C ALA D 26 28.93 -7.98 -15.32
N PRO D 27 29.38 -6.74 -15.61
CA PRO D 27 28.80 -5.91 -16.69
C PRO D 27 28.88 -6.47 -18.11
N ASP D 28 29.68 -7.53 -18.30
CA ASP D 28 29.70 -8.29 -19.55
C ASP D 28 28.30 -8.83 -19.84
N MET D 29 27.60 -9.23 -18.79
CA MET D 29 26.45 -10.10 -18.88
C MET D 29 25.15 -9.28 -18.94
N LEU D 30 25.29 -7.96 -19.05
CA LEU D 30 24.16 -7.05 -18.90
C LEU D 30 23.24 -7.19 -20.11
N HIS D 31 23.82 -7.51 -21.27
CA HIS D 31 23.10 -7.58 -22.54
C HIS D 31 21.98 -8.62 -22.51
N ARG D 32 22.08 -9.59 -21.57
CA ARG D 32 21.11 -10.66 -21.45
C ARG D 32 19.75 -10.19 -20.94
N PHE D 33 19.62 -8.90 -20.59
CA PHE D 33 18.35 -8.34 -20.16
C PHE D 33 17.47 -7.87 -21.32
N TYR D 34 18.07 -7.72 -22.51
CA TYR D 34 17.49 -6.95 -23.61
C TYR D 34 17.10 -7.84 -24.80
N GLY D 35 16.15 -7.34 -25.60
CA GLY D 35 15.66 -8.01 -26.79
C GLY D 35 16.08 -7.28 -28.06
N LYS D 36 15.60 -7.76 -29.21
CA LYS D 36 16.03 -7.25 -30.51
C LYS D 36 15.55 -5.80 -30.68
N ASN D 37 14.39 -5.46 -30.11
CA ASN D 37 13.84 -4.12 -30.25
C ASN D 37 13.95 -3.28 -28.98
N SER D 38 15.03 -3.48 -28.18
CA SER D 38 15.25 -2.70 -26.97
C SER D 38 16.07 -1.44 -27.27
N SER D 39 15.74 -0.33 -26.60
N SER D 39 15.71 -0.32 -26.63
CA SER D 39 16.51 0.90 -26.75
CA SER D 39 16.47 0.91 -26.70
C SER D 39 17.32 1.14 -25.47
C SER D 39 17.40 0.98 -25.49
N TYR D 40 18.54 1.68 -25.64
CA TYR D 40 19.52 1.86 -24.57
C TYR D 40 20.21 3.21 -24.76
N VAL D 41 20.31 3.99 -23.67
CA VAL D 41 20.98 5.29 -23.62
C VAL D 41 21.76 5.39 -22.30
N HIS D 42 23.02 5.84 -22.35
CA HIS D 42 23.77 6.12 -21.12
C HIS D 42 24.44 7.50 -21.25
N GLY D 43 24.01 8.29 -22.25
CA GLY D 43 24.52 9.63 -22.47
C GLY D 43 25.96 9.64 -22.97
N ASP D 53 22.56 9.41 -28.34
CA ASP D 53 22.02 8.56 -29.44
C ASP D 53 21.81 7.13 -28.95
N ALA D 54 20.62 6.57 -29.27
CA ALA D 54 20.18 5.29 -28.76
C ALA D 54 20.70 4.15 -29.62
N VAL D 55 21.03 3.01 -28.98
CA VAL D 55 21.40 1.79 -29.68
C VAL D 55 20.35 0.74 -29.37
N TYR D 56 20.15 -0.17 -30.34
CA TYR D 56 19.00 -1.08 -30.35
C TYR D 56 19.49 -2.51 -30.53
N GLY D 57 19.03 -3.43 -29.67
CA GLY D 57 19.34 -4.85 -29.81
C GLY D 57 20.57 -5.27 -29.00
N GLN D 58 20.66 -6.57 -28.69
CA GLN D 58 21.61 -7.12 -27.73
C GLN D 58 23.07 -6.87 -28.10
N LYS D 59 23.42 -7.00 -29.38
CA LYS D 59 24.81 -6.94 -29.82
C LYS D 59 25.35 -5.53 -29.71
N GLU D 60 24.53 -4.54 -30.13
CA GLU D 60 24.91 -3.13 -30.10
C GLU D 60 24.87 -2.55 -28.69
N ILE D 61 23.97 -3.08 -27.86
CA ILE D 61 23.86 -2.70 -26.46
C ILE D 61 25.09 -3.21 -25.70
N HIS D 62 25.47 -4.47 -25.95
CA HIS D 62 26.65 -5.06 -25.34
C HIS D 62 27.90 -4.22 -25.59
N ARG D 63 28.09 -3.71 -26.81
CA ARG D 63 29.26 -2.93 -27.17
C ARG D 63 29.24 -1.59 -26.44
N LYS D 64 28.06 -0.96 -26.41
CA LYS D 64 27.88 0.30 -25.70
C LYS D 64 28.28 0.13 -24.23
N VAL D 65 27.88 -1.02 -23.65
CA VAL D 65 28.19 -1.33 -22.28
C VAL D 65 29.71 -1.36 -22.09
N MET D 66 30.41 -2.06 -22.99
CA MET D 66 31.83 -2.33 -22.84
C MET D 66 32.65 -1.05 -22.94
N SER D 67 32.23 -0.14 -23.82
CA SER D 67 32.95 1.10 -24.09
C SER D 67 32.97 1.99 -22.85
N GLN D 68 31.90 1.94 -22.06
CA GLN D 68 31.89 2.52 -20.73
C GLN D 68 32.52 1.52 -19.76
N ASN D 69 33.78 1.75 -19.39
CA ASN D 69 34.50 0.79 -18.58
C ASN D 69 33.91 0.74 -17.18
N PHE D 70 33.09 -0.27 -16.92
CA PHE D 70 32.46 -0.44 -15.61
C PHE D 70 33.40 -1.24 -14.73
N THR D 71 34.13 -0.55 -13.83
CA THR D 71 35.13 -1.13 -12.95
C THR D 71 34.74 -0.88 -11.49
N ASN D 72 34.76 -1.95 -10.66
CA ASN D 72 34.45 -1.85 -9.23
C ASN D 72 33.34 -0.81 -9.02
N CYS D 73 32.21 -1.09 -9.68
CA CYS D 73 31.13 -0.12 -9.87
C CYS D 73 30.11 -0.18 -8.74
N HIS D 74 30.00 0.94 -8.00
CA HIS D 74 29.27 1.00 -6.73
C HIS D 74 28.01 1.87 -6.88
N THR D 75 26.87 1.33 -6.46
CA THR D 75 25.57 1.99 -6.62
C THR D 75 24.97 2.26 -5.24
N LYS D 76 24.29 3.41 -5.10
CA LYS D 76 23.50 3.71 -3.93
C LYS D 76 22.12 4.17 -4.40
N ILE D 77 21.08 3.36 -4.13
CA ILE D 77 19.74 3.64 -4.63
C ILE D 77 19.00 4.38 -3.52
N ARG D 78 18.37 5.50 -3.86
CA ARG D 78 17.71 6.33 -2.87
C ARG D 78 16.21 6.18 -2.99
N HIS D 79 15.70 6.09 -4.24
CA HIS D 79 14.28 5.80 -4.43
C HIS D 79 14.02 5.07 -5.74
N VAL D 80 12.91 4.31 -5.71
CA VAL D 80 12.43 3.47 -6.79
C VAL D 80 10.91 3.60 -6.86
N ASP D 81 10.40 3.95 -8.05
CA ASP D 81 8.99 3.99 -8.36
C ASP D 81 8.73 3.04 -9.53
N ALA D 82 7.71 2.19 -9.38
CA ALA D 82 7.27 1.21 -10.35
C ALA D 82 5.73 1.24 -10.41
N HIS D 83 5.19 1.30 -11.62
CA HIS D 83 3.74 1.32 -11.80
C HIS D 83 3.40 0.44 -12.99
N ALA D 84 2.16 -0.04 -13.07
CA ALA D 84 1.77 -0.83 -14.22
C ALA D 84 1.52 0.13 -15.40
N THR D 85 1.91 -0.28 -16.61
CA THR D 85 1.78 0.57 -17.80
C THR D 85 1.04 -0.22 -18.89
N LEU D 86 1.18 0.22 -20.16
CA LEU D 86 0.50 -0.40 -21.28
C LEU D 86 0.90 -1.87 -21.44
N ASN D 87 -0.10 -2.72 -21.77
CA ASN D 87 0.12 -4.07 -22.25
C ASN D 87 0.91 -4.89 -21.24
N ASP D 88 0.59 -4.72 -19.94
CA ASP D 88 1.12 -5.56 -18.87
C ASP D 88 2.58 -5.20 -18.57
N GLY D 89 2.99 -3.97 -18.91
CA GLY D 89 4.34 -3.53 -18.64
C GLY D 89 4.46 -2.95 -17.24
N VAL D 90 5.71 -2.72 -16.79
CA VAL D 90 6.00 -1.94 -15.59
C VAL D 90 6.94 -0.82 -15.98
N VAL D 91 6.64 0.44 -15.65
CA VAL D 91 7.58 1.54 -15.84
C VAL D 91 8.25 1.85 -14.50
N VAL D 92 9.60 2.03 -14.53
CA VAL D 92 10.41 2.19 -13.32
C VAL D 92 11.30 3.42 -13.47
N GLN D 93 11.18 4.40 -12.56
CA GLN D 93 12.16 5.45 -12.38
C GLN D 93 13.04 5.19 -11.14
N VAL D 94 14.37 5.22 -11.34
CA VAL D 94 15.34 5.02 -10.28
C VAL D 94 16.11 6.33 -10.02
N MET D 95 16.33 6.62 -8.74
CA MET D 95 17.08 7.78 -8.28
C MET D 95 18.16 7.25 -7.36
N GLY D 96 19.44 7.39 -7.77
CA GLY D 96 20.55 6.78 -7.05
C GLY D 96 21.85 7.57 -7.17
N LEU D 97 22.96 6.90 -6.83
CA LEU D 97 24.31 7.43 -7.03
C LEU D 97 25.20 6.32 -7.57
N LEU D 98 26.14 6.72 -8.45
CA LEU D 98 27.03 5.77 -9.11
C LEU D 98 28.47 6.27 -8.98
N SER D 99 29.39 5.37 -8.63
CA SER D 99 30.81 5.68 -8.55
C SER D 99 31.60 4.62 -9.31
N ASN D 100 32.26 5.04 -10.39
CA ASN D 100 32.90 4.14 -11.33
C ASN D 100 34.42 4.24 -11.18
N ASN D 101 35.00 3.23 -10.53
CA ASN D 101 36.44 3.14 -10.28
C ASN D 101 36.81 4.10 -9.14
N ASN D 102 35.90 4.21 -8.15
CA ASN D 102 36.08 5.03 -6.96
C ASN D 102 36.33 6.50 -7.33
N GLN D 103 35.72 6.96 -8.43
CA GLN D 103 35.53 8.39 -8.65
C GLN D 103 34.34 8.82 -7.79
N ALA D 104 34.12 10.14 -7.68
CA ALA D 104 33.13 10.65 -6.75
C ALA D 104 31.73 10.17 -7.16
N LEU D 105 30.96 9.73 -6.15
CA LEU D 105 29.57 9.32 -6.34
C LEU D 105 28.79 10.47 -6.99
N ARG D 106 28.10 10.15 -8.11
CA ARG D 106 27.37 11.12 -8.92
C ARG D 106 25.91 10.71 -9.06
N ARG D 107 25.01 11.63 -8.69
CA ARG D 107 23.57 11.45 -8.67
C ARG D 107 23.04 11.17 -10.08
N PHE D 108 22.24 10.12 -10.21
CA PHE D 108 21.68 9.74 -11.50
C PHE D 108 20.18 9.49 -11.37
N MET D 109 19.54 9.60 -12.53
CA MET D 109 18.16 9.21 -12.79
C MET D 109 18.23 8.16 -13.88
N GLN D 110 17.41 7.10 -13.76
CA GLN D 110 17.30 6.05 -14.75
C GLN D 110 15.83 5.69 -14.97
N THR D 111 15.41 5.57 -16.24
CA THR D 111 14.05 5.17 -16.59
C THR D 111 14.10 3.81 -17.30
N PHE D 112 13.39 2.79 -16.79
CA PHE D 112 13.30 1.46 -17.38
C PHE D 112 11.86 1.17 -17.81
N VAL D 113 11.67 0.54 -18.98
CA VAL D 113 10.42 -0.10 -19.28
C VAL D 113 10.68 -1.61 -19.35
N LEU D 114 9.84 -2.37 -18.62
CA LEU D 114 9.90 -3.82 -18.52
C LEU D 114 8.65 -4.41 -19.18
N ALA D 115 8.85 -5.16 -20.28
CA ALA D 115 7.74 -5.76 -21.00
C ALA D 115 7.74 -7.28 -20.78
N PRO D 116 6.58 -7.97 -20.73
CA PRO D 116 6.55 -9.44 -20.63
C PRO D 116 7.07 -10.18 -21.87
N GLU D 117 7.75 -11.30 -21.64
CA GLU D 117 8.31 -12.09 -22.74
C GLU D 117 7.16 -12.67 -23.58
N GLY D 118 6.01 -12.92 -22.94
CA GLY D 118 4.81 -13.33 -23.66
C GLY D 118 4.58 -14.83 -23.51
N SER D 119 5.68 -15.59 -23.55
CA SER D 119 5.65 -17.00 -23.21
C SER D 119 5.71 -17.12 -21.70
N VAL D 120 6.93 -17.13 -21.17
CA VAL D 120 7.22 -17.72 -19.87
C VAL D 120 6.56 -16.87 -18.78
N ALA D 121 6.24 -17.53 -17.64
CA ALA D 121 5.50 -16.90 -16.56
C ALA D 121 6.47 -16.12 -15.67
N ASN D 122 6.01 -14.98 -15.14
CA ASN D 122 6.77 -14.14 -14.22
C ASN D 122 8.09 -13.62 -14.83
N LYS D 123 8.24 -13.76 -16.16
CA LYS D 123 9.49 -13.47 -16.85
C LYS D 123 9.31 -12.22 -17.70
N PHE D 124 10.32 -11.33 -17.65
CA PHE D 124 10.28 -10.05 -18.35
C PHE D 124 11.59 -9.82 -19.11
N TYR D 125 11.57 -8.87 -20.08
CA TYR D 125 12.79 -8.28 -20.61
C TYR D 125 12.69 -6.77 -20.51
N VAL D 126 13.84 -6.09 -20.75
CA VAL D 126 13.96 -4.64 -20.72
C VAL D 126 13.72 -4.05 -22.10
N HIS D 127 12.56 -3.40 -22.32
CA HIS D 127 12.27 -2.77 -23.60
C HIS D 127 12.90 -1.38 -23.72
N ASN D 128 13.11 -0.64 -22.61
CA ASN D 128 13.70 0.69 -22.65
C ASN D 128 14.67 0.89 -21.48
N ASP D 129 15.81 1.57 -21.73
CA ASP D 129 16.76 1.91 -20.67
C ASP D 129 17.37 3.29 -20.95
N ILE D 130 16.98 4.28 -20.13
CA ILE D 130 17.47 5.65 -20.26
C ILE D 130 18.18 6.05 -18.98
N PHE D 131 19.46 6.44 -19.08
CA PHE D 131 20.27 6.88 -17.95
C PHE D 131 20.71 8.31 -18.21
N ARG D 132 20.80 9.10 -17.13
CA ARG D 132 21.31 10.46 -17.19
C ARG D 132 21.83 10.92 -15.82
N TYR D 133 23.08 11.38 -15.81
CA TYR D 133 23.64 12.14 -14.69
C TYR D 133 22.98 13.51 -14.62
N GLN D 134 22.69 13.96 -13.40
CA GLN D 134 21.96 15.19 -13.19
C GLN D 134 22.89 16.39 -13.34
N ASP D 135 24.20 16.18 -13.12
CA ASP D 135 25.19 17.26 -13.10
C ASP D 135 25.45 17.80 -14.52
N GLU D 136 25.21 16.95 -15.54
CA GLU D 136 25.44 17.30 -16.93
C GLU D 136 24.30 18.17 -17.46
N VAL D 137 23.22 18.30 -16.69
CA VAL D 137 21.95 18.82 -17.16
C VAL D 137 21.67 20.16 -16.48
N PHE D 138 22.19 20.32 -15.26
CA PHE D 138 21.94 21.53 -14.49
C PHE D 138 23.17 22.46 -14.50
N GLY D 139 24.09 22.22 -15.45
CA GLY D 139 25.05 23.22 -15.86
C GLY D 139 24.41 24.28 -16.75
N PRO E 6 14.47 -15.50 -6.85
CA PRO E 6 13.62 -14.73 -7.75
C PRO E 6 12.41 -15.51 -8.25
N GLN E 7 11.24 -15.20 -7.67
CA GLN E 7 9.95 -15.64 -8.18
C GLN E 7 9.74 -15.04 -9.57
N TYR E 8 10.47 -13.95 -9.85
CA TYR E 8 10.41 -13.22 -11.10
C TYR E 8 11.73 -13.39 -11.88
N ILE E 9 11.60 -13.82 -13.14
CA ILE E 9 12.75 -13.94 -14.02
C ILE E 9 12.88 -12.66 -14.85
N PHE E 10 14.12 -12.24 -15.10
CA PHE E 10 14.41 -11.10 -15.97
C PHE E 10 15.51 -11.47 -16.94
N GLY E 11 15.28 -11.20 -18.23
CA GLY E 11 16.25 -11.48 -19.27
C GLY E 11 16.50 -12.97 -19.50
N ASP E 12 17.69 -13.28 -20.03
CA ASP E 12 18.00 -14.57 -20.62
C ASP E 12 19.19 -15.20 -19.89
N PHE E 13 18.91 -15.89 -18.78
CA PHE E 13 19.93 -16.59 -17.98
C PHE E 13 19.54 -18.04 -17.73
N SER E 14 20.55 -18.92 -17.66
CA SER E 14 20.35 -20.30 -17.24
C SER E 14 20.24 -20.35 -15.73
N PRO E 15 19.66 -21.42 -15.14
CA PRO E 15 19.63 -21.60 -13.68
C PRO E 15 21.00 -21.63 -12.98
N ASP E 16 22.06 -21.98 -13.74
CA ASP E 16 23.41 -22.03 -13.22
C ASP E 16 23.95 -20.61 -13.01
N GLU E 17 23.73 -19.71 -13.99
CA GLU E 17 24.13 -18.32 -13.92
C GLU E 17 23.37 -17.63 -12.79
N PHE E 18 22.09 -18.00 -12.70
CA PHE E 18 21.16 -17.49 -11.70
C PHE E 18 21.73 -17.65 -10.29
N ASN E 19 22.32 -18.81 -9.99
CA ASN E 19 22.80 -19.13 -8.66
C ASN E 19 24.02 -18.28 -8.30
N GLN E 20 24.84 -18.04 -9.32
CA GLN E 20 26.11 -17.33 -9.17
C GLN E 20 25.87 -15.86 -8.83
N PHE E 21 24.72 -15.32 -9.27
CA PHE E 21 24.48 -13.87 -9.26
C PHE E 21 23.24 -13.52 -8.41
N PHE E 22 22.15 -14.30 -8.53
CA PHE E 22 20.84 -13.98 -7.98
C PHE E 22 20.34 -15.10 -7.07
N VAL E 23 19.91 -14.75 -5.84
CA VAL E 23 19.49 -15.74 -4.85
C VAL E 23 19.08 -15.00 -3.56
N GLN F 7 13.51 -9.97 12.94
CA GLN F 7 13.42 -8.51 13.23
C GLN F 7 12.46 -8.30 14.40
N TYR F 8 11.34 -9.04 14.42
CA TYR F 8 10.26 -8.81 15.37
C TYR F 8 10.29 -9.88 16.46
N ILE F 9 10.40 -9.45 17.73
CA ILE F 9 10.51 -10.36 18.86
C ILE F 9 9.22 -10.27 19.68
N PHE F 10 8.63 -11.42 20.03
CA PHE F 10 7.36 -11.44 20.77
C PHE F 10 7.55 -12.26 22.04
N GLY F 11 7.54 -11.60 23.19
CA GLY F 11 7.54 -12.30 24.48
C GLY F 11 8.95 -12.69 24.94
N ASP F 12 9.02 -13.53 25.99
CA ASP F 12 10.28 -13.90 26.64
C ASP F 12 10.72 -15.30 26.19
N PHE F 13 11.69 -15.36 25.25
CA PHE F 13 12.32 -16.58 24.79
C PHE F 13 13.84 -16.39 24.67
N SER F 14 14.61 -17.34 25.20
CA SER F 14 16.05 -17.33 25.02
C SER F 14 16.36 -17.46 23.53
N PRO F 15 17.56 -17.06 23.04
CA PRO F 15 17.97 -17.34 21.66
C PRO F 15 17.98 -18.84 21.35
N ASP F 16 18.36 -19.66 22.33
CA ASP F 16 18.36 -21.11 22.18
C ASP F 16 16.95 -21.61 21.86
N GLU F 17 15.92 -20.99 22.46
CA GLU F 17 14.53 -21.35 22.25
C GLU F 17 13.98 -20.75 20.97
N PHE F 18 14.45 -19.55 20.61
CA PHE F 18 14.01 -18.87 19.39
C PHE F 18 14.47 -19.65 18.15
N ASN F 19 15.68 -20.24 18.23
CA ASN F 19 16.25 -20.94 17.09
C ASN F 19 15.43 -22.20 16.79
N GLN F 20 14.80 -22.75 17.83
CA GLN F 20 14.07 -24.00 17.71
C GLN F 20 12.80 -23.82 16.87
N PHE F 21 11.98 -22.81 17.20
CA PHE F 21 10.61 -22.71 16.68
C PHE F 21 10.49 -21.73 15.53
N PHE F 22 11.24 -20.60 15.56
CA PHE F 22 11.06 -19.53 14.60
C PHE F 22 12.34 -19.34 13.76
N PRO G 6 -28.67 5.94 28.22
CA PRO G 6 -27.35 6.23 27.63
C PRO G 6 -26.42 7.05 28.54
N GLN G 7 -25.43 6.38 29.13
CA GLN G 7 -24.48 6.97 30.07
C GLN G 7 -23.19 7.39 29.36
N TYR G 8 -22.81 6.61 28.33
CA TYR G 8 -21.56 6.81 27.63
C TYR G 8 -21.79 7.67 26.37
N ILE G 9 -20.75 8.41 25.98
CA ILE G 9 -20.77 9.21 24.76
C ILE G 9 -19.78 8.61 23.78
N PHE G 10 -20.18 8.46 22.51
CA PHE G 10 -19.37 7.85 21.47
C PHE G 10 -19.39 8.74 20.22
N GLY G 11 -18.19 9.17 19.82
CA GLY G 11 -18.06 10.06 18.68
C GLY G 11 -18.47 11.48 19.04
N ASP G 12 -18.77 12.27 18.01
CA ASP G 12 -18.98 13.71 18.15
C ASP G 12 -20.34 14.07 17.55
N PHE G 13 -21.36 14.02 18.40
CA PHE G 13 -22.70 14.47 18.04
C PHE G 13 -23.07 15.61 18.97
N SER G 14 -23.94 16.52 18.50
CA SER G 14 -24.48 17.54 19.38
C SER G 14 -25.47 16.88 20.34
N PRO G 15 -25.76 17.49 21.50
CA PRO G 15 -26.88 17.08 22.35
C PRO G 15 -28.20 16.76 21.63
N ASP G 16 -28.48 17.46 20.53
CA ASP G 16 -29.75 17.33 19.82
C ASP G 16 -29.75 16.14 18.87
N GLU G 17 -28.61 15.93 18.18
CA GLU G 17 -28.41 14.81 17.29
C GLU G 17 -28.48 13.49 18.06
N PHE G 18 -28.10 13.53 19.34
CA PHE G 18 -28.13 12.39 20.22
C PHE G 18 -29.57 11.93 20.45
N ASN G 19 -30.49 12.90 20.53
CA ASN G 19 -31.84 12.61 20.95
C ASN G 19 -32.63 12.06 19.78
N GLN G 20 -32.24 12.44 18.57
CA GLN G 20 -32.89 11.93 17.38
C GLN G 20 -32.53 10.47 17.17
N PHE G 21 -31.31 10.07 17.56
CA PHE G 21 -30.76 8.78 17.15
C PHE G 21 -30.69 7.77 18.29
N PHE G 22 -30.37 8.21 19.51
CA PHE G 22 -29.78 7.30 20.48
C PHE G 22 -30.61 7.09 21.75
N VAL G 23 -31.91 7.46 21.76
CA VAL G 23 -32.71 7.29 22.98
C VAL G 23 -33.89 6.36 22.70
N PRO H 6 0.61 23.03 -33.27
CA PRO H 6 0.30 21.98 -32.29
C PRO H 6 -0.31 20.78 -33.02
N GLN H 7 0.55 19.81 -33.33
CA GLN H 7 0.23 18.72 -34.23
C GLN H 7 -0.40 17.53 -33.50
N TYR H 8 -0.22 17.48 -32.16
CA TYR H 8 -0.64 16.36 -31.34
C TYR H 8 -1.62 16.81 -30.27
N ILE H 9 -2.55 15.89 -29.90
CA ILE H 9 -3.56 16.10 -28.89
C ILE H 9 -3.26 15.15 -27.74
N PHE H 10 -3.38 15.61 -26.49
CA PHE H 10 -2.83 14.87 -25.37
C PHE H 10 -3.85 14.57 -24.28
N GLY H 11 -5.09 15.04 -24.40
CA GLY H 11 -6.12 14.56 -23.50
C GLY H 11 -7.53 14.74 -24.06
N ASP H 12 -8.49 14.89 -23.13
CA ASP H 12 -9.88 15.22 -23.43
C ASP H 12 -10.04 16.74 -23.38
N PHE H 13 -10.10 17.36 -24.56
CA PHE H 13 -10.23 18.80 -24.71
C PHE H 13 -11.11 19.07 -25.93
N SER H 14 -12.08 19.98 -25.78
CA SER H 14 -12.83 20.46 -26.92
C SER H 14 -11.92 21.42 -27.71
N PRO H 15 -12.29 21.77 -28.97
CA PRO H 15 -11.53 22.72 -29.78
C PRO H 15 -11.05 24.03 -29.17
N ASP H 16 -11.92 24.80 -28.47
CA ASP H 16 -11.49 26.07 -27.90
C ASP H 16 -10.47 25.82 -26.79
N GLU H 17 -10.81 24.92 -25.85
CA GLU H 17 -9.92 24.60 -24.74
C GLU H 17 -8.50 24.41 -25.26
N PHE H 18 -8.39 23.78 -26.45
CA PHE H 18 -7.11 23.50 -27.08
C PHE H 18 -6.46 24.80 -27.55
N ASN H 19 -7.24 25.72 -28.14
CA ASN H 19 -6.70 26.93 -28.72
C ASN H 19 -6.66 28.07 -27.71
N GLN H 20 -7.13 27.79 -26.49
CA GLN H 20 -6.87 28.66 -25.36
C GLN H 20 -5.50 28.33 -24.74
N PHE H 21 -5.18 27.03 -24.69
CA PHE H 21 -4.07 26.59 -23.86
C PHE H 21 -2.85 26.23 -24.71
N PHE H 22 -3.05 25.86 -25.98
CA PHE H 22 -2.02 25.08 -26.67
C PHE H 22 -1.65 25.64 -28.05
N VAL H 23 -2.15 26.83 -28.45
CA VAL H 23 -1.81 27.42 -29.73
C VAL H 23 -0.73 28.49 -29.54
C1 EDO I . 12.49 5.54 -32.10
O1 EDO I . 11.24 5.23 -32.69
C2 EDO I . 12.37 6.01 -30.70
O2 EDO I . 13.15 5.28 -29.75
C1 EDO J . -3.75 30.14 -11.26
O1 EDO J . -4.12 29.07 -12.11
C2 EDO J . -2.66 29.75 -10.34
O2 EDO J . -1.76 28.81 -10.89
C1 EDO K . -12.89 15.38 -12.81
O1 EDO K . -12.88 14.63 -11.61
C2 EDO K . -13.92 16.46 -12.84
O2 EDO K . -13.41 17.71 -12.43
C1 EDO L . 3.08 7.78 2.17
O1 EDO L . 3.43 6.40 2.14
C2 EDO L . 1.82 8.08 1.42
O2 EDO L . 1.75 9.38 0.87
C1 EDO M . -5.00 0.52 -7.43
O1 EDO M . -6.02 1.34 -7.98
C2 EDO M . -4.16 -0.12 -8.46
O2 EDO M . -2.93 -0.55 -7.94
C1 EDO N . 9.37 21.40 -24.06
O1 EDO N . 10.69 21.25 -24.54
C2 EDO N . 9.19 22.59 -23.20
O2 EDO N . 9.79 23.77 -23.74
C1 EDO O . -28.93 -2.11 16.37
O1 EDO O . -28.54 -3.07 17.32
C2 EDO O . -29.15 -2.70 15.02
O2 EDO O . -30.42 -3.33 14.92
C1 EDO P . -18.10 14.70 6.10
O1 EDO P . -19.02 15.76 6.30
C2 EDO P . -16.88 14.80 6.95
O2 EDO P . -15.69 14.51 6.26
C1 EDO Q . -27.11 -10.71 23.00
O1 EDO Q . -27.16 -9.46 22.33
C2 EDO Q . -25.86 -11.46 22.72
O2 EDO Q . -25.47 -11.34 21.37
C1 EDO R . 4.59 -21.39 33.83
O1 EDO R . 4.58 -22.61 33.11
C2 EDO R . 3.44 -21.28 34.76
O2 EDO R . 3.55 -20.17 35.63
C1 EDO S . 19.03 -9.19 -30.61
O1 EDO S . 18.64 -9.79 -29.40
C2 EDO S . 20.41 -9.54 -31.01
O2 EDO S . 21.11 -8.48 -31.64
C1 EDO T . 24.62 13.73 -3.55
O1 EDO T . 23.81 13.57 -2.38
C2 EDO T . 26.06 14.01 -3.26
O2 EDO T . 26.71 14.73 -4.31
C1 EDO U . 31.73 15.83 -13.38
O1 EDO U . 30.75 16.75 -12.94
C2 EDO U . 32.63 15.38 -12.28
O2 EDO U . 32.67 13.97 -12.11
C1 EDO V . 35.20 13.58 -15.45
O1 EDO V . 35.38 12.18 -15.29
C2 EDO V . 33.89 13.92 -16.08
O2 EDO V . 32.77 13.70 -15.24
C1 EDO W . -8.72 11.38 -22.74
O1 EDO W . -9.69 11.86 -23.66
C2 EDO W . -8.10 10.09 -23.14
O2 EDO W . -8.89 8.95 -22.79
#